data_8YZZ
#
_entry.id   8YZZ
#
_cell.length_a   161.859
_cell.length_b   65.686
_cell.length_c   50.090
_cell.angle_alpha   90.00
_cell.angle_beta   90.44
_cell.angle_gamma   90.00
#
_symmetry.space_group_name_H-M   'C 1 2 1'
#
loop_
_entity.id
_entity.type
_entity.pdbx_description
1 polymer 'MHC class I antigen'
2 polymer Beta-2-microglobulin
3 polymer 'Spike protein S1'
4 water water
#
loop_
_entity_poly.entity_id
_entity_poly.type
_entity_poly.pdbx_seq_one_letter_code
_entity_poly.pdbx_strand_id
1 'polypeptide(L)'
;GSHSMRYFSTSVSRPGRGEPRFIAVGYVDDTQFVRFDSDAASQRMEPRAPWIEQEGPEYWDEETGKVKAHSQTDRENLRI
ALRYYNQSEAGSHTLQMMFGCDVGSDGRFLRGYHQYAYDGKDYIALKEDLRSWTAADMAAQITKRKWEAAHVAEQQRAYL
EGTCVDGLRRYLENGKETLQRTDPPKTHMTHHPISDHEATLRCWALGFYPAEITLTWQRDGEDQTQDTELVETRPAGDGT
FQKWAAVVVPSGEEQRYTCHVQHEGLPKPLTLRW
;
A
2 'polypeptide(L)'
;MIQRTPKIQVYSRHPAENGKSNFLNCYVSGFHPSDIEVDLLKNGERIEKVEHSDLSFSKDWSFYLLYYTEFTPTEKDEYA
CRVNHVTLSQPKIVKWDRDM
;
B
3 'polypeptide(L)' NYNYLYRLF E
#
# COMPACT_ATOMS: atom_id res chain seq x y z
N GLY A 1 -7.06 -2.25 18.80
CA GLY A 1 -6.28 -2.72 19.93
C GLY A 1 -4.97 -3.37 19.51
N SER A 2 -5.04 -4.24 18.50
CA SER A 2 -3.85 -4.91 18.01
C SER A 2 -3.11 -4.04 16.99
N HIS A 3 -1.83 -4.34 16.79
CA HIS A 3 -0.98 -3.55 15.92
C HIS A 3 -0.06 -4.45 15.12
N SER A 4 0.48 -3.90 14.05
CA SER A 4 1.32 -4.65 13.14
C SER A 4 2.59 -3.84 12.83
N MET A 5 3.65 -4.56 12.48
CA MET A 5 4.81 -3.92 11.88
C MET A 5 5.19 -4.73 10.65
N ARG A 6 5.39 -4.05 9.53
CA ARG A 6 5.75 -4.75 8.31
C ARG A 6 6.86 -4.01 7.60
N TYR A 7 7.74 -4.80 7.01
CA TYR A 7 8.71 -4.33 6.04
C TYR A 7 8.36 -4.95 4.70
N PHE A 8 8.36 -4.13 3.66
CA PHE A 8 8.09 -4.57 2.29
C PHE A 8 9.31 -4.26 1.46
N SER A 9 9.85 -5.26 0.77
CA SER A 9 11.01 -5.07 -0.09
C SER A 9 10.71 -5.54 -1.51
N THR A 10 11.26 -4.81 -2.49
CA THR A 10 11.12 -5.12 -3.91
C THR A 10 12.50 -5.05 -4.56
N SER A 11 12.92 -6.15 -5.21
CA SER A 11 14.09 -6.15 -6.08
C SER A 11 13.64 -6.39 -7.51
N VAL A 12 14.12 -5.57 -8.44
CA VAL A 12 13.73 -5.65 -9.85
C VAL A 12 14.98 -5.71 -10.70
N SER A 13 15.18 -6.82 -11.40
CA SER A 13 16.36 -6.92 -12.25
C SER A 13 16.16 -6.09 -13.52
N ARG A 14 17.28 -5.57 -14.04
CA ARG A 14 17.30 -4.65 -15.18
C ARG A 14 18.41 -5.09 -16.10
N PRO A 15 18.21 -6.14 -16.89
CA PRO A 15 19.30 -6.66 -17.73
C PRO A 15 19.80 -5.61 -18.70
N GLY A 16 21.11 -5.40 -18.69
CA GLY A 16 21.73 -4.39 -19.51
C GLY A 16 21.81 -3.01 -18.88
N ARG A 17 21.11 -2.79 -17.77
CA ARG A 17 21.03 -1.47 -17.16
C ARG A 17 21.45 -1.51 -15.69
N GLY A 18 22.45 -2.32 -15.38
CA GLY A 18 23.03 -2.35 -14.04
C GLY A 18 22.48 -3.45 -13.16
N GLU A 19 22.85 -3.37 -11.89
CA GLU A 19 22.40 -4.32 -10.89
C GLU A 19 20.91 -4.05 -10.58
N PRO A 20 20.20 -5.02 -10.02
CA PRO A 20 18.77 -4.80 -9.74
C PRO A 20 18.54 -3.65 -8.78
N ARG A 21 17.43 -2.95 -9.00
CA ARG A 21 17.01 -1.90 -8.09
C ARG A 21 16.27 -2.52 -6.91
N PHE A 22 16.62 -2.11 -5.70
CA PHE A 22 16.07 -2.62 -4.45
C PHE A 22 15.45 -1.48 -3.68
N ILE A 23 14.22 -1.66 -3.25
CA ILE A 23 13.49 -0.67 -2.48
C ILE A 23 12.84 -1.37 -1.30
N ALA A 24 12.95 -0.77 -0.11
CA ALA A 24 12.34 -1.34 1.08
C ALA A 24 11.69 -0.22 1.87
N VAL A 25 10.53 -0.54 2.45
CA VAL A 25 9.78 0.42 3.25
C VAL A 25 9.31 -0.26 4.51
N GLY A 26 9.21 0.52 5.60
CA GLY A 26 8.70 0.01 6.85
C GLY A 26 7.44 0.71 7.32
N TYR A 27 6.46 -0.07 7.76
CA TYR A 27 5.19 0.46 8.24
C TYR A 27 4.95 0.00 9.67
N VAL A 28 4.38 0.88 10.48
CA VAL A 28 3.66 0.49 11.69
C VAL A 28 2.18 0.74 11.42
N ASP A 29 1.39 -0.33 11.44
CA ASP A 29 -0.05 -0.24 11.10
C ASP A 29 -0.15 0.35 9.70
N ASP A 30 -0.85 1.47 9.51
CA ASP A 30 -0.97 2.11 8.20
C ASP A 30 -0.05 3.31 8.03
N THR A 31 1.02 3.41 8.83
CA THR A 31 1.88 4.59 8.84
C THR A 31 3.28 4.17 8.41
N GLN A 32 3.76 4.72 7.29
CA GLN A 32 5.13 4.43 6.88
C GLN A 32 6.11 5.16 7.78
N PHE A 33 7.25 4.54 8.11
CA PHE A 33 8.25 5.24 8.93
C PHE A 33 9.69 5.18 8.44
N VAL A 34 10.06 4.25 7.56
CA VAL A 34 11.41 4.23 6.98
C VAL A 34 11.33 3.80 5.53
N ARG A 35 12.41 4.11 4.81
CA ARG A 35 12.57 3.68 3.44
C ARG A 35 14.04 3.51 3.12
N PHE A 36 14.32 2.65 2.15
CA PHE A 36 15.65 2.53 1.57
C PHE A 36 15.49 2.34 0.07
N ASP A 37 16.28 3.07 -0.71
CA ASP A 37 16.30 2.98 -2.17
C ASP A 37 17.73 2.78 -2.64
N SER A 38 18.01 1.62 -3.24
CA SER A 38 19.39 1.33 -3.65
C SER A 38 19.88 2.27 -4.74
N ASP A 39 18.99 2.88 -5.53
CA ASP A 39 19.43 3.86 -6.51
C ASP A 39 19.64 5.25 -5.92
N ALA A 40 19.20 5.51 -4.70
CA ALA A 40 19.33 6.85 -4.17
C ALA A 40 20.79 7.13 -3.78
N ALA A 41 21.12 8.42 -3.72
CA ALA A 41 22.51 8.79 -3.47
C ALA A 41 22.97 8.40 -2.06
N SER A 42 22.11 8.58 -1.06
CA SER A 42 22.54 8.46 0.34
C SER A 42 23.05 7.06 0.70
N GLN A 43 22.42 6.02 0.16
CA GLN A 43 22.69 4.63 0.58
C GLN A 43 22.43 4.42 2.07
N ARG A 44 21.46 5.14 2.63
CA ARG A 44 21.09 5.04 4.03
C ARG A 44 19.61 4.69 4.18
N MET A 45 19.30 3.97 5.25
CA MET A 45 17.92 3.88 5.70
C MET A 45 17.50 5.28 6.12
N GLU A 46 16.33 5.74 5.65
CA GLU A 46 15.94 7.12 5.89
C GLU A 46 14.61 7.20 6.63
N PRO A 47 14.47 8.17 7.55
CA PRO A 47 13.19 8.36 8.25
C PRO A 47 12.10 8.86 7.33
N ARG A 48 10.87 8.39 7.56
CA ARG A 48 9.70 8.86 6.84
C ARG A 48 8.54 9.21 7.77
N ALA A 49 8.78 9.26 9.08
CA ALA A 49 7.79 9.66 10.07
C ALA A 49 8.49 10.53 11.08
N PRO A 50 7.80 11.53 11.64
CA PRO A 50 8.44 12.40 12.63
C PRO A 50 8.95 11.67 13.86
N TRP A 51 8.24 10.64 14.33
CA TRP A 51 8.58 10.01 15.59
C TRP A 51 9.76 9.04 15.50
N ILE A 52 10.18 8.65 14.29
CA ILE A 52 11.36 7.80 14.19
C ILE A 52 12.64 8.64 14.21
N GLU A 53 12.54 9.94 14.00
CA GLU A 53 13.72 10.81 14.02
C GLU A 53 14.34 10.92 15.41
N GLN A 54 13.65 10.48 16.46
CA GLN A 54 14.25 10.41 17.80
C GLN A 54 15.32 9.35 17.90
N GLU A 55 15.29 8.32 17.05
CA GLU A 55 16.26 7.24 17.17
C GLU A 55 17.67 7.78 16.93
N GLY A 56 18.64 7.23 17.67
CA GLY A 56 19.98 7.77 17.65
C GLY A 56 20.81 7.25 16.49
N PRO A 57 22.05 7.74 16.41
CA PRO A 57 22.90 7.39 15.26
C PRO A 57 23.19 5.91 15.13
N GLU A 58 23.30 5.18 16.23
CA GLU A 58 23.57 3.76 16.12
C GLU A 58 22.38 3.02 15.48
N TYR A 59 21.16 3.49 15.72
CA TYR A 59 19.99 2.94 15.04
C TYR A 59 20.16 3.04 13.52
N TRP A 60 20.42 4.24 13.03
CA TRP A 60 20.44 4.45 11.58
C TRP A 60 21.60 3.72 10.92
N ASP A 61 22.76 3.65 11.60
CA ASP A 61 23.87 2.84 11.10
C ASP A 61 23.47 1.38 11.02
N GLU A 62 22.89 0.85 12.09
CA GLU A 62 22.58 -0.57 12.13
C GLU A 62 21.46 -0.92 11.16
N GLU A 63 20.39 -0.12 11.11
CA GLU A 63 19.32 -0.41 10.16
C GLU A 63 19.80 -0.29 8.72
N THR A 64 20.64 0.71 8.44
CA THR A 64 21.26 0.80 7.11
C THR A 64 22.04 -0.46 6.79
N GLY A 65 22.83 -0.95 7.74
CA GLY A 65 23.59 -2.15 7.47
C GLY A 65 22.69 -3.32 7.13
N LYS A 66 21.62 -3.49 7.90
CA LYS A 66 20.70 -4.62 7.66
C LYS A 66 20.04 -4.52 6.30
N VAL A 67 19.53 -3.33 5.94
CA VAL A 67 18.78 -3.29 4.68
C VAL A 67 19.73 -3.45 3.49
N LYS A 68 20.97 -2.95 3.58
CA LYS A 68 21.93 -3.18 2.53
C LYS A 68 22.27 -4.66 2.38
N ALA A 69 22.41 -5.40 3.48
CA ALA A 69 22.63 -6.84 3.38
C ALA A 69 21.45 -7.54 2.72
N HIS A 70 20.23 -7.12 3.04
CA HIS A 70 19.06 -7.70 2.36
C HIS A 70 19.13 -7.46 0.86
N SER A 71 19.49 -6.24 0.45
CA SER A 71 19.54 -5.93 -0.98
C SER A 71 20.49 -6.87 -1.71
N GLN A 72 21.64 -7.19 -1.10
CA GLN A 72 22.60 -8.11 -1.70
C GLN A 72 22.08 -9.54 -1.71
N THR A 73 21.40 -9.96 -0.63
CA THR A 73 20.81 -11.29 -0.60
C THR A 73 19.78 -11.48 -1.71
N ASP A 74 18.83 -10.56 -1.83
CA ASP A 74 17.80 -10.78 -2.85
C ASP A 74 18.33 -10.53 -4.26
N ARG A 75 19.40 -9.75 -4.42
CA ARG A 75 20.11 -9.75 -5.70
C ARG A 75 20.52 -11.15 -6.10
N GLU A 76 21.12 -11.90 -5.17
CA GLU A 76 21.51 -13.28 -5.46
C GLU A 76 20.29 -14.17 -5.65
N ASN A 77 19.25 -13.96 -4.85
CA ASN A 77 18.07 -14.80 -4.97
C ASN A 77 17.41 -14.65 -6.34
N LEU A 78 17.50 -13.47 -6.96
CA LEU A 78 16.97 -13.30 -8.32
C LEU A 78 17.68 -14.19 -9.31
N ARG A 79 19.02 -14.30 -9.19
CA ARG A 79 19.77 -15.18 -10.09
C ARG A 79 19.43 -16.64 -9.85
N ILE A 80 19.22 -17.03 -8.59
CA ILE A 80 18.85 -18.42 -8.31
C ILE A 80 17.46 -18.73 -8.86
N ALA A 81 16.50 -17.84 -8.62
CA ALA A 81 15.15 -18.07 -9.15
C ALA A 81 15.17 -18.14 -10.66
N LEU A 82 16.03 -17.33 -11.29
CA LEU A 82 16.18 -17.41 -12.73
C LEU A 82 16.58 -18.81 -13.16
N ARG A 83 17.49 -19.43 -12.41
CA ARG A 83 17.96 -20.75 -12.77
C ARG A 83 16.90 -21.82 -12.46
N TYR A 84 16.25 -21.73 -11.30
CA TYR A 84 15.20 -22.70 -10.95
C TYR A 84 14.09 -22.72 -11.99
N TYR A 85 13.69 -21.56 -12.50
CA TYR A 85 12.61 -21.48 -13.48
C TYR A 85 13.08 -21.60 -14.92
N ASN A 86 14.37 -21.81 -15.16
CA ASN A 86 14.94 -21.91 -16.51
C ASN A 86 14.53 -20.72 -17.38
N GLN A 87 14.92 -19.53 -16.94
CA GLN A 87 14.59 -18.30 -17.64
C GLN A 87 15.87 -17.64 -18.13
N SER A 88 15.74 -16.81 -19.17
CA SER A 88 16.90 -16.18 -19.79
C SER A 88 17.35 -14.97 -18.98
N GLU A 89 18.62 -14.60 -19.17
CA GLU A 89 19.16 -13.39 -18.57
C GLU A 89 18.76 -12.12 -19.32
N ALA A 90 17.86 -12.21 -20.31
CA ALA A 90 17.45 -11.03 -21.05
C ALA A 90 16.32 -10.26 -20.37
N GLY A 91 15.46 -10.93 -19.64
CA GLY A 91 14.24 -10.33 -19.12
C GLY A 91 14.37 -9.78 -17.71
N SER A 92 13.51 -8.83 -17.42
CA SER A 92 13.41 -8.20 -16.11
C SER A 92 12.45 -9.01 -15.24
N HIS A 93 12.84 -9.19 -13.97
CA HIS A 93 12.06 -10.01 -13.03
C HIS A 93 12.01 -9.33 -11.67
N THR A 94 11.01 -9.72 -10.87
CA THR A 94 10.67 -9.07 -9.62
C THR A 94 10.72 -10.08 -8.48
N LEU A 95 11.39 -9.73 -7.39
CA LEU A 95 11.33 -10.52 -6.17
C LEU A 95 10.87 -9.62 -5.04
N GLN A 96 9.75 -9.98 -4.43
CA GLN A 96 9.24 -9.22 -3.31
C GLN A 96 9.34 -10.03 -2.04
N MET A 97 9.61 -9.34 -0.93
CA MET A 97 9.63 -9.94 0.41
C MET A 97 8.77 -9.12 1.34
N MET A 98 7.99 -9.80 2.18
CA MET A 98 7.36 -9.14 3.32
C MET A 98 7.71 -9.90 4.59
N PHE A 99 7.99 -9.16 5.66
CA PHE A 99 8.19 -9.79 6.97
C PHE A 99 7.77 -8.82 8.07
N GLY A 100 7.50 -9.38 9.25
CA GLY A 100 7.14 -8.55 10.39
C GLY A 100 6.25 -9.33 11.35
N CYS A 101 5.48 -8.60 12.14
CA CYS A 101 4.75 -9.25 13.22
C CYS A 101 3.50 -8.49 13.59
N ASP A 102 2.53 -9.22 14.15
CA ASP A 102 1.32 -8.67 14.76
C ASP A 102 1.42 -8.82 16.28
N VAL A 103 0.97 -7.81 17.02
CA VAL A 103 0.91 -7.88 18.47
C VAL A 103 -0.52 -7.56 18.90
N GLY A 104 -0.93 -8.11 20.03
CA GLY A 104 -2.25 -7.83 20.55
C GLY A 104 -2.28 -6.53 21.33
N SER A 105 -3.48 -6.18 21.81
CA SER A 105 -3.63 -5.03 22.69
C SER A 105 -2.74 -5.19 23.91
N ASP A 106 -2.63 -6.43 24.39
CA ASP A 106 -1.64 -6.91 25.33
C ASP A 106 -0.26 -6.31 25.09
N GLY A 107 0.12 -6.21 23.82
CA GLY A 107 1.50 -5.96 23.46
C GLY A 107 2.28 -7.22 23.14
N ARG A 108 1.68 -8.39 23.28
CA ARG A 108 2.39 -9.65 23.14
C ARG A 108 2.22 -10.24 21.76
N PHE A 109 3.13 -11.15 21.42
CA PHE A 109 3.22 -11.67 20.07
C PHE A 109 1.96 -12.42 19.68
N LEU A 110 1.46 -12.13 18.48
CA LEU A 110 0.32 -12.83 17.92
C LEU A 110 0.66 -13.63 16.67
N ARG A 111 1.45 -13.06 15.76
CA ARG A 111 1.74 -13.70 14.49
C ARG A 111 3.04 -13.12 13.95
N GLY A 112 3.77 -13.93 13.18
CA GLY A 112 4.95 -13.46 12.48
C GLY A 112 4.91 -13.88 11.03
N TYR A 113 5.57 -13.08 10.19
CA TYR A 113 5.51 -13.26 8.74
C TYR A 113 6.90 -13.16 8.15
N HIS A 114 7.13 -13.96 7.10
CA HIS A 114 8.43 -14.05 6.42
C HIS A 114 8.11 -14.74 5.08
N GLN A 115 7.83 -13.94 4.03
CA GLN A 115 7.35 -14.55 2.79
C GLN A 115 7.86 -13.81 1.57
N TYR A 116 7.91 -14.55 0.46
CA TYR A 116 8.46 -14.06 -0.79
C TYR A 116 7.47 -14.26 -1.92
N ALA A 117 7.55 -13.39 -2.92
CA ALA A 117 6.86 -13.54 -4.19
C ALA A 117 7.86 -13.34 -5.32
N TYR A 118 7.74 -14.17 -6.35
CA TYR A 118 8.54 -14.05 -7.57
C TYR A 118 7.63 -13.67 -8.72
N ASP A 119 8.01 -12.63 -9.47
CA ASP A 119 7.20 -12.14 -10.59
C ASP A 119 5.71 -12.05 -10.24
N GLY A 120 5.39 -11.56 -9.04
CA GLY A 120 4.04 -11.24 -8.65
C GLY A 120 3.22 -12.38 -8.10
N LYS A 121 3.80 -13.56 -7.95
CA LYS A 121 3.07 -14.72 -7.47
C LYS A 121 3.82 -15.30 -6.26
N ASP A 122 3.08 -15.90 -5.33
CA ASP A 122 3.69 -16.53 -4.17
C ASP A 122 4.87 -17.37 -4.60
N TYR A 123 5.96 -17.31 -3.81
CA TYR A 123 7.09 -18.21 -3.98
C TYR A 123 7.18 -19.13 -2.74
N ILE A 124 7.61 -18.61 -1.61
CA ILE A 124 7.66 -19.42 -0.39
C ILE A 124 7.26 -18.52 0.77
N ALA A 125 6.53 -19.09 1.73
CA ALA A 125 6.08 -18.33 2.89
C ALA A 125 6.25 -19.16 4.17
N LEU A 126 6.57 -18.48 5.26
CA LEU A 126 6.67 -19.13 6.56
C LEU A 126 5.27 -19.31 7.13
N LYS A 127 4.92 -20.54 7.49
CA LYS A 127 3.59 -20.77 8.03
C LYS A 127 3.51 -20.25 9.46
N GLU A 128 2.27 -20.22 9.96
CA GLU A 128 1.96 -19.62 11.24
C GLU A 128 2.65 -20.35 12.40
N ASP A 129 2.92 -21.64 12.26
CA ASP A 129 3.64 -22.37 13.31
C ASP A 129 5.12 -21.97 13.40
N LEU A 130 5.60 -21.11 12.50
CA LEU A 130 7.00 -20.67 12.45
C LEU A 130 7.98 -21.82 12.42
N ARG A 131 7.54 -23.01 11.99
CA ARG A 131 8.39 -24.18 11.88
C ARG A 131 8.47 -24.74 10.47
N SER A 132 7.54 -24.38 9.57
CA SER A 132 7.44 -25.03 8.27
C SER A 132 7.13 -23.97 7.22
N TRP A 133 7.25 -24.36 5.97
CA TRP A 133 7.10 -23.45 4.84
C TRP A 133 5.97 -23.91 3.93
N THR A 134 5.35 -22.94 3.25
CA THR A 134 4.44 -23.25 2.15
C THR A 134 5.05 -22.73 0.85
N ALA A 135 5.32 -23.67 -0.05
CA ALA A 135 5.97 -23.42 -1.32
C ALA A 135 4.92 -23.45 -2.44
N ALA A 136 5.04 -22.54 -3.39
CA ALA A 136 3.97 -22.38 -4.36
C ALA A 136 4.05 -23.33 -5.54
N ASP A 137 5.25 -23.73 -5.97
CA ASP A 137 5.38 -24.57 -7.16
C ASP A 137 6.59 -25.46 -6.95
N MET A 138 7.02 -26.15 -8.01
CA MET A 138 8.16 -27.06 -7.88
C MET A 138 9.47 -26.32 -7.70
N ALA A 139 9.60 -25.13 -8.29
CA ALA A 139 10.81 -24.35 -8.06
C ALA A 139 10.97 -24.00 -6.58
N ALA A 140 9.93 -23.44 -5.99
CA ALA A 140 9.99 -23.09 -4.57
C ALA A 140 10.12 -24.32 -3.67
N GLN A 141 9.72 -25.51 -4.13
CA GLN A 141 9.92 -26.69 -3.30
C GLN A 141 11.41 -27.01 -3.16
N ILE A 142 12.23 -26.62 -4.14
CA ILE A 142 13.68 -26.75 -3.99
C ILE A 142 14.17 -25.96 -2.79
N THR A 143 13.79 -24.69 -2.71
CA THR A 143 14.16 -23.86 -1.56
C THR A 143 13.57 -24.40 -0.28
N LYS A 144 12.32 -24.86 -0.33
CA LYS A 144 11.68 -25.40 0.86
C LYS A 144 12.50 -26.55 1.46
N ARG A 145 12.91 -27.51 0.62
CA ARG A 145 13.69 -28.62 1.14
C ARG A 145 15.01 -28.14 1.71
N LYS A 146 15.66 -27.19 1.03
CA LYS A 146 16.95 -26.72 1.53
C LYS A 146 16.78 -25.97 2.85
N TRP A 147 15.73 -25.15 2.96
CA TRP A 147 15.50 -24.38 4.18
C TRP A 147 15.03 -25.26 5.34
N GLU A 148 14.30 -26.34 5.07
CA GLU A 148 13.95 -27.29 6.14
C GLU A 148 15.19 -27.97 6.68
N ALA A 149 16.05 -28.46 5.79
CA ALA A 149 17.28 -29.11 6.22
C ALA A 149 18.14 -28.17 7.03
N ALA A 150 18.13 -26.88 6.72
CA ALA A 150 19.02 -25.95 7.40
C ALA A 150 18.37 -25.26 8.59
N HIS A 151 17.10 -25.60 8.87
CA HIS A 151 16.35 -25.03 10.00
C HIS A 151 16.31 -23.51 9.92
N VAL A 152 16.04 -23.00 8.73
CA VAL A 152 15.94 -21.55 8.53
C VAL A 152 14.83 -20.96 9.39
N ALA A 153 13.68 -21.65 9.46
CA ALA A 153 12.52 -21.12 10.16
C ALA A 153 12.83 -20.90 11.64
N GLU A 154 13.40 -21.92 12.28
CA GLU A 154 13.77 -21.82 13.69
C GLU A 154 14.69 -20.61 13.93
N GLN A 155 15.64 -20.39 13.04
CA GLN A 155 16.57 -19.30 13.26
C GLN A 155 15.96 -17.93 13.01
N GLN A 156 14.73 -17.85 12.50
CA GLN A 156 14.01 -16.58 12.40
C GLN A 156 13.18 -16.28 13.65
N ARG A 157 13.05 -17.21 14.59
CA ARG A 157 12.04 -17.00 15.62
C ARG A 157 12.47 -15.95 16.62
N ALA A 158 13.77 -15.82 16.90
CA ALA A 158 14.23 -14.76 17.78
C ALA A 158 13.83 -13.40 17.22
N TYR A 159 14.06 -13.16 15.92
CA TYR A 159 13.63 -11.89 15.36
C TYR A 159 12.11 -11.73 15.46
N LEU A 160 11.35 -12.72 14.99
CA LEU A 160 9.92 -12.53 14.82
C LEU A 160 9.22 -12.36 16.16
N GLU A 161 9.60 -13.14 17.17
CA GLU A 161 8.97 -13.06 18.48
C GLU A 161 9.70 -12.13 19.44
N GLY A 162 10.91 -11.72 19.13
CA GLY A 162 11.66 -10.87 20.04
C GLY A 162 11.88 -9.47 19.51
N THR A 163 12.85 -9.32 18.59
CA THR A 163 13.20 -8.01 18.06
C THR A 163 11.99 -7.30 17.46
N CYS A 164 11.21 -8.01 16.66
CA CYS A 164 10.09 -7.40 15.98
C CYS A 164 9.07 -6.89 16.99
N VAL A 165 8.71 -7.74 17.96
CA VAL A 165 7.74 -7.35 18.97
C VAL A 165 8.28 -6.18 19.79
N ASP A 166 9.55 -6.25 20.17
CA ASP A 166 10.14 -5.20 21.00
C ASP A 166 10.22 -3.88 20.25
N GLY A 167 10.68 -3.93 19.00
CA GLY A 167 10.75 -2.71 18.21
C GLY A 167 9.38 -2.08 17.99
N LEU A 168 8.38 -2.91 17.67
CA LEU A 168 7.02 -2.42 17.50
C LEU A 168 6.52 -1.77 18.78
N ARG A 169 6.78 -2.39 19.93
CA ARG A 169 6.32 -1.81 21.19
C ARG A 169 6.99 -0.46 21.43
N ARG A 170 8.27 -0.32 21.08
CA ARG A 170 8.96 0.95 21.26
C ARG A 170 8.42 2.02 20.32
N TYR A 171 8.14 1.66 19.06
CA TYR A 171 7.57 2.65 18.13
C TYR A 171 6.19 3.10 18.60
N LEU A 172 5.33 2.17 19.00
CA LEU A 172 4.01 2.56 19.46
C LEU A 172 4.08 3.53 20.64
N GLU A 173 5.10 3.40 21.49
CA GLU A 173 5.24 4.33 22.60
C GLU A 173 5.81 5.68 22.14
N ASN A 174 6.89 5.65 21.34
CA ASN A 174 7.51 6.89 20.88
C ASN A 174 6.61 7.68 19.94
N GLY A 175 5.75 6.99 19.19
CA GLY A 175 4.89 7.67 18.25
C GLY A 175 3.44 7.64 18.70
N LYS A 176 3.26 7.58 20.02
CA LYS A 176 1.93 7.40 20.62
C LYS A 176 0.90 8.39 20.07
N GLU A 177 1.26 9.67 20.00
CA GLU A 177 0.32 10.69 19.54
C GLU A 177 -0.24 10.36 18.17
N THR A 178 0.60 9.84 17.29
CA THR A 178 0.26 9.48 15.92
C THR A 178 -0.35 8.08 15.83
N LEU A 179 0.40 7.09 16.30
CA LEU A 179 0.09 5.69 16.02
C LEU A 179 -1.06 5.16 16.84
N GLN A 180 -1.30 5.71 18.03
CA GLN A 180 -2.34 5.19 18.91
C GLN A 180 -3.56 6.06 18.95
N ARG A 181 -3.72 6.94 18.00
CA ARG A 181 -4.94 7.72 18.02
C ARG A 181 -5.91 7.14 16.99
N THR A 182 -7.15 7.54 17.08
CA THR A 182 -8.10 7.07 16.09
C THR A 182 -8.81 8.32 15.58
N ASP A 183 -8.73 8.54 14.27
CA ASP A 183 -9.47 9.63 13.67
C ASP A 183 -10.71 9.05 13.02
N PRO A 184 -11.90 9.39 13.50
CA PRO A 184 -13.11 8.87 12.89
C PRO A 184 -13.34 9.53 11.53
N PRO A 185 -14.07 8.86 10.66
CA PRO A 185 -14.38 9.47 9.35
C PRO A 185 -15.29 10.67 9.50
N LYS A 186 -14.99 11.72 8.74
CA LYS A 186 -15.96 12.77 8.47
C LYS A 186 -16.74 12.34 7.25
N THR A 187 -18.07 12.31 7.35
CA THR A 187 -18.91 11.71 6.32
C THR A 187 -19.81 12.77 5.69
N HIS A 188 -20.14 12.55 4.43
CA HIS A 188 -21.16 13.36 3.76
C HIS A 188 -21.68 12.58 2.57
N MET A 189 -22.77 13.06 1.98
CA MET A 189 -23.21 12.43 0.74
C MET A 189 -23.48 13.46 -0.34
N THR A 190 -23.36 13.00 -1.56
CA THR A 190 -23.61 13.78 -2.76
C THR A 190 -24.71 13.08 -3.56
N HIS A 191 -25.33 13.87 -4.43
CA HIS A 191 -26.54 13.47 -5.13
C HIS A 191 -26.48 14.09 -6.52
N HIS A 192 -26.44 13.25 -7.56
CA HIS A 192 -26.34 13.74 -8.94
C HIS A 192 -27.34 13.00 -9.81
N PRO A 193 -28.36 13.69 -10.35
CA PRO A 193 -29.20 13.07 -11.39
C PRO A 193 -28.33 12.65 -12.56
N ILE A 194 -28.61 11.47 -13.12
CA ILE A 194 -27.95 11.05 -14.35
C ILE A 194 -28.93 10.93 -15.51
N SER A 195 -30.22 11.05 -15.25
CA SER A 195 -31.29 11.07 -16.23
C SER A 195 -32.47 11.72 -15.53
N ASP A 196 -33.63 11.70 -16.17
CA ASP A 196 -34.82 11.99 -15.38
C ASP A 196 -35.39 10.73 -14.75
N HIS A 197 -34.73 9.59 -14.95
CA HIS A 197 -35.14 8.33 -14.34
C HIS A 197 -34.25 7.91 -13.17
N GLU A 198 -32.98 8.29 -13.15
CA GLU A 198 -32.11 7.81 -12.08
C GLU A 198 -31.13 8.89 -11.64
N ALA A 199 -30.56 8.66 -10.47
CA ALA A 199 -29.61 9.57 -9.84
C ALA A 199 -28.56 8.74 -9.13
N THR A 200 -27.36 9.32 -8.99
CA THR A 200 -26.30 8.71 -8.20
C THR A 200 -26.35 9.27 -6.78
N LEU A 201 -26.24 8.38 -5.80
CA LEU A 201 -25.95 8.76 -4.43
C LEU A 201 -24.57 8.24 -4.08
N ARG A 202 -23.74 9.12 -3.54
CA ARG A 202 -22.37 8.78 -3.18
C ARG A 202 -22.16 9.07 -1.71
N CYS A 203 -21.74 8.06 -0.97
CA CYS A 203 -21.47 8.14 0.46
C CYS A 203 -19.96 8.28 0.64
N TRP A 204 -19.52 9.35 1.31
CA TRP A 204 -18.12 9.68 1.45
C TRP A 204 -17.65 9.50 2.89
N ALA A 205 -16.45 8.96 3.06
CA ALA A 205 -15.77 8.93 4.36
C ALA A 205 -14.40 9.56 4.18
N LEU A 206 -14.12 10.62 4.93
CA LEU A 206 -12.87 11.36 4.77
C LEU A 206 -12.14 11.50 6.10
N GLY A 207 -10.82 11.62 6.01
CA GLY A 207 -10.00 11.99 7.14
C GLY A 207 -9.84 10.94 8.22
N PHE A 208 -9.93 9.66 7.89
CA PHE A 208 -9.98 8.66 8.93
C PHE A 208 -8.64 7.92 9.03
N TYR A 209 -8.40 7.35 10.21
CA TYR A 209 -7.22 6.55 10.54
C TYR A 209 -7.60 5.62 11.67
N PRO A 210 -7.26 4.33 11.62
CA PRO A 210 -6.51 3.63 10.56
C PRO A 210 -7.34 3.38 9.31
N ALA A 211 -6.74 2.70 8.33
CA ALA A 211 -7.34 2.65 7.00
C ALA A 211 -8.54 1.70 6.94
N GLU A 212 -8.66 0.77 7.87
CA GLU A 212 -9.75 -0.20 7.79
C GLU A 212 -11.09 0.50 7.98
N ILE A 213 -12.04 0.23 7.08
CA ILE A 213 -13.36 0.85 7.16
C ILE A 213 -14.34 0.02 6.33
N THR A 214 -15.62 0.09 6.68
CA THR A 214 -16.67 -0.56 5.89
C THR A 214 -17.73 0.46 5.54
N LEU A 215 -18.00 0.63 4.24
CA LEU A 215 -19.10 1.43 3.74
C LEU A 215 -20.03 0.52 2.97
N THR A 216 -21.29 0.50 3.35
CA THR A 216 -22.26 -0.38 2.71
C THR A 216 -23.54 0.41 2.48
N TRP A 217 -24.20 0.13 1.37
CA TRP A 217 -25.49 0.72 1.01
C TRP A 217 -26.58 -0.32 1.24
N GLN A 218 -27.65 0.07 1.91
CA GLN A 218 -28.85 -0.76 2.03
C GLN A 218 -30.03 -0.08 1.32
N ARG A 219 -30.93 -0.88 0.78
CA ARG A 219 -32.20 -0.41 0.26
C ARG A 219 -33.31 -1.06 1.06
N ASP A 220 -34.13 -0.24 1.72
CA ASP A 220 -35.16 -0.72 2.64
C ASP A 220 -34.59 -1.79 3.57
N GLY A 221 -33.36 -1.57 4.06
CA GLY A 221 -32.75 -2.47 5.03
C GLY A 221 -32.00 -3.66 4.46
N GLU A 222 -31.97 -3.83 3.15
CA GLU A 222 -31.35 -4.97 2.48
C GLU A 222 -30.04 -4.53 1.83
N ASP A 223 -28.96 -5.26 2.10
CA ASP A 223 -27.65 -4.87 1.60
C ASP A 223 -27.64 -4.89 0.07
N GLN A 224 -27.06 -3.85 -0.53
CA GLN A 224 -27.06 -3.72 -1.98
C GLN A 224 -25.68 -4.09 -2.56
N THR A 225 -25.23 -5.30 -2.22
CA THR A 225 -23.85 -5.70 -2.50
C THR A 225 -23.50 -5.53 -3.97
N GLN A 226 -24.29 -6.13 -4.87
CA GLN A 226 -23.91 -6.20 -6.27
C GLN A 226 -24.34 -4.99 -7.10
N ASP A 227 -24.91 -3.95 -6.49
CA ASP A 227 -25.22 -2.74 -7.23
C ASP A 227 -24.41 -1.54 -6.77
N THR A 228 -23.48 -1.73 -5.83
CA THR A 228 -22.70 -0.63 -5.29
C THR A 228 -21.38 -0.51 -6.02
N GLU A 229 -21.00 0.72 -6.37
CA GLU A 229 -19.64 1.00 -6.80
C GLU A 229 -18.82 1.42 -5.59
N LEU A 230 -17.74 0.69 -5.35
CA LEU A 230 -16.91 0.87 -4.16
C LEU A 230 -15.48 1.08 -4.62
N VAL A 231 -14.87 2.21 -4.25
CA VAL A 231 -13.50 2.43 -4.65
C VAL A 231 -12.59 1.91 -3.56
N GLU A 232 -11.36 1.57 -3.94
CA GLU A 232 -10.36 1.17 -2.97
C GLU A 232 -10.03 2.34 -2.04
N THR A 233 -9.92 2.05 -0.75
CA THR A 233 -9.49 3.04 0.22
C THR A 233 -8.19 3.67 -0.25
N ARG A 234 -8.09 4.99 -0.12
CA ARG A 234 -6.99 5.70 -0.74
C ARG A 234 -6.41 6.70 0.25
N PRO A 235 -5.11 6.97 0.16
CA PRO A 235 -4.49 7.93 1.08
C PRO A 235 -4.80 9.36 0.73
N ALA A 236 -5.10 10.17 1.74
CA ALA A 236 -5.27 11.60 1.48
C ALA A 236 -3.95 12.29 1.25
N GLY A 237 -2.84 11.72 1.73
CA GLY A 237 -1.54 12.34 1.66
C GLY A 237 -1.04 12.94 2.96
N ASP A 238 -1.92 13.12 3.95
CA ASP A 238 -1.58 13.70 5.25
C ASP A 238 -1.59 12.66 6.35
N GLY A 239 -1.51 11.38 6.00
CA GLY A 239 -1.61 10.30 6.97
C GLY A 239 -3.01 9.77 7.23
N THR A 240 -4.06 10.40 6.68
CA THR A 240 -5.41 9.87 6.81
C THR A 240 -5.86 9.25 5.48
N PHE A 241 -7.05 8.64 5.50
CA PHE A 241 -7.53 7.87 4.36
C PHE A 241 -8.92 8.33 3.91
N GLN A 242 -9.27 7.95 2.68
CA GLN A 242 -10.56 8.29 2.08
C GLN A 242 -11.19 7.07 1.42
N LYS A 243 -12.52 7.10 1.35
CA LYS A 243 -13.23 6.06 0.64
C LYS A 243 -14.62 6.58 0.28
N TRP A 244 -15.17 6.06 -0.81
CA TRP A 244 -16.58 6.32 -1.06
C TRP A 244 -17.26 5.11 -1.68
N ALA A 245 -18.59 5.11 -1.56
CA ALA A 245 -19.45 4.06 -2.10
C ALA A 245 -20.62 4.73 -2.76
N ALA A 246 -20.97 4.30 -3.96
CA ALA A 246 -22.03 4.94 -4.72
C ALA A 246 -23.06 3.92 -5.17
N VAL A 247 -24.28 4.39 -5.36
CA VAL A 247 -25.35 3.57 -5.90
C VAL A 247 -26.20 4.45 -6.82
N VAL A 248 -26.72 3.84 -7.89
CA VAL A 248 -27.61 4.52 -8.82
C VAL A 248 -29.04 4.13 -8.47
N VAL A 249 -29.89 5.12 -8.20
CA VAL A 249 -31.19 4.86 -7.58
C VAL A 249 -32.25 5.46 -8.49
N PRO A 250 -33.47 4.92 -8.47
CA PRO A 250 -34.55 5.55 -9.25
C PRO A 250 -34.87 6.91 -8.68
N SER A 251 -35.09 7.90 -9.55
CA SER A 251 -35.35 9.24 -9.06
C SER A 251 -36.62 9.23 -8.22
N GLY A 252 -36.61 10.00 -7.14
CA GLY A 252 -37.69 9.99 -6.18
C GLY A 252 -37.66 8.87 -5.14
N GLU A 253 -36.73 7.92 -5.23
CA GLU A 253 -36.65 6.85 -4.23
C GLU A 253 -35.39 6.92 -3.38
N GLU A 254 -34.71 8.07 -3.39
CA GLU A 254 -33.51 8.26 -2.59
C GLU A 254 -33.75 7.88 -1.12
N GLN A 255 -34.93 8.18 -0.61
CA GLN A 255 -35.12 8.00 0.82
C GLN A 255 -35.20 6.54 1.26
N ARG A 256 -35.27 5.57 0.34
CA ARG A 256 -35.20 4.19 0.80
C ARG A 256 -33.78 3.69 1.00
N TYR A 257 -32.78 4.48 0.61
CA TYR A 257 -31.39 4.03 0.68
C TYR A 257 -30.67 4.63 1.88
N THR A 258 -29.89 3.79 2.56
CA THR A 258 -29.08 4.24 3.68
C THR A 258 -27.65 3.76 3.49
N CYS A 259 -26.71 4.62 3.84
CA CYS A 259 -25.30 4.28 3.82
C CYS A 259 -24.84 4.03 5.26
N HIS A 260 -24.17 2.91 5.49
CA HIS A 260 -23.73 2.51 6.82
C HIS A 260 -22.21 2.50 6.88
N VAL A 261 -21.65 3.21 7.85
CA VAL A 261 -20.22 3.42 7.98
C VAL A 261 -19.76 2.81 9.30
N GLN A 262 -18.82 1.87 9.24
CA GLN A 262 -18.20 1.31 10.44
C GLN A 262 -16.70 1.56 10.42
N HIS A 263 -16.18 2.03 11.55
CA HIS A 263 -14.79 2.39 11.72
C HIS A 263 -14.47 2.37 13.20
N GLU A 264 -13.22 2.04 13.54
CA GLU A 264 -12.87 1.84 14.95
C GLU A 264 -13.01 3.13 15.75
N GLY A 265 -12.94 4.28 15.09
CA GLY A 265 -13.08 5.56 15.75
C GLY A 265 -14.50 6.01 16.00
N LEU A 266 -15.47 5.23 15.56
CA LEU A 266 -16.86 5.55 15.82
C LEU A 266 -17.33 4.74 17.01
N PRO A 267 -17.72 5.37 18.11
CA PRO A 267 -18.43 4.63 19.16
C PRO A 267 -19.63 3.90 18.59
N LYS A 268 -20.30 4.50 17.61
CA LYS A 268 -21.55 4.05 17.05
C LYS A 268 -21.36 3.96 15.54
N PRO A 269 -21.75 2.87 14.88
CA PRO A 269 -21.84 2.90 13.43
C PRO A 269 -22.79 4.02 12.99
N LEU A 270 -22.47 4.67 11.88
CA LEU A 270 -23.31 5.74 11.35
C LEU A 270 -24.24 5.21 10.29
N THR A 271 -25.43 5.80 10.23
CA THR A 271 -26.38 5.65 9.15
C THR A 271 -26.60 7.03 8.53
N LEU A 272 -26.31 7.17 7.23
CA LEU A 272 -26.58 8.41 6.50
C LEU A 272 -27.68 8.19 5.47
N ARG A 273 -28.56 9.18 5.36
CA ARG A 273 -29.68 9.13 4.45
C ARG A 273 -29.80 10.49 3.77
N TRP A 274 -30.06 10.48 2.47
CA TRP A 274 -30.21 11.74 1.75
C TRP A 274 -31.56 12.39 2.02
N MET B 1 3.90 -15.32 -16.44
CA MET B 1 4.22 -14.12 -15.68
C MET B 1 2.93 -13.35 -15.38
N ILE B 2 2.83 -12.86 -14.14
CA ILE B 2 1.63 -12.17 -13.66
C ILE B 2 1.70 -10.70 -14.06
N GLN B 3 0.65 -10.23 -14.72
CA GLN B 3 0.52 -8.82 -15.07
C GLN B 3 -0.87 -8.34 -14.68
N ARG B 4 -0.93 -7.26 -13.89
CA ARG B 4 -2.20 -6.70 -13.45
C ARG B 4 -2.22 -5.22 -13.77
N THR B 5 -3.34 -4.77 -14.35
CA THR B 5 -3.49 -3.39 -14.79
C THR B 5 -3.81 -2.48 -13.60
N PRO B 6 -3.25 -1.27 -13.58
CA PRO B 6 -3.50 -0.37 -12.44
C PRO B 6 -4.95 0.06 -12.35
N LYS B 7 -5.41 0.17 -11.11
CA LYS B 7 -6.61 0.93 -10.81
C LYS B 7 -6.18 2.35 -10.51
N ILE B 8 -6.88 3.33 -11.10
CA ILE B 8 -6.44 4.71 -11.07
C ILE B 8 -7.51 5.55 -10.41
N GLN B 9 -7.09 6.40 -9.47
CA GLN B 9 -7.98 7.35 -8.82
C GLN B 9 -7.30 8.72 -8.82
N VAL B 10 -8.00 9.74 -9.34
CA VAL B 10 -7.50 11.11 -9.31
C VAL B 10 -8.46 11.93 -8.46
N TYR B 11 -7.90 12.70 -7.53
CA TYR B 11 -8.72 13.34 -6.50
C TYR B 11 -7.91 14.39 -5.77
N SER B 12 -8.62 15.27 -5.08
CA SER B 12 -7.97 16.26 -4.23
C SER B 12 -7.95 15.80 -2.78
N ARG B 13 -7.00 16.34 -2.02
CA ARG B 13 -6.89 15.91 -0.62
C ARG B 13 -8.10 16.37 0.19
N HIS B 14 -8.66 17.53 -0.14
CA HIS B 14 -9.82 18.13 0.47
C HIS B 14 -10.83 18.46 -0.62
N PRO B 15 -12.13 18.50 -0.30
CA PRO B 15 -13.11 18.91 -1.32
C PRO B 15 -12.72 20.26 -1.90
N ALA B 16 -12.81 20.37 -3.23
CA ALA B 16 -12.21 21.51 -3.90
C ALA B 16 -13.03 22.78 -3.68
N GLU B 17 -12.33 23.87 -3.37
CA GLU B 17 -12.91 25.21 -3.35
C GLU B 17 -12.01 26.10 -4.18
N ASN B 18 -12.58 26.75 -5.20
CA ASN B 18 -11.80 27.62 -6.06
C ASN B 18 -11.07 28.69 -5.26
N GLY B 19 -9.79 28.86 -5.54
CA GLY B 19 -8.98 29.83 -4.82
C GLY B 19 -8.35 29.34 -3.54
N LYS B 20 -8.65 28.13 -3.10
CA LYS B 20 -8.14 27.63 -1.82
C LYS B 20 -7.10 26.55 -2.07
N SER B 21 -5.91 26.72 -1.49
CA SER B 21 -4.83 25.76 -1.70
C SER B 21 -5.25 24.35 -1.30
N ASN B 22 -4.65 23.37 -1.96
CA ASN B 22 -5.10 21.98 -1.87
C ASN B 22 -3.98 21.10 -2.41
N PHE B 23 -4.25 19.80 -2.51
CA PHE B 23 -3.31 18.86 -3.10
C PHE B 23 -4.06 18.01 -4.12
N LEU B 24 -3.44 17.82 -5.28
CA LEU B 24 -3.98 16.97 -6.33
C LEU B 24 -3.28 15.61 -6.22
N ASN B 25 -4.06 14.54 -6.08
CA ASN B 25 -3.49 13.20 -5.95
C ASN B 25 -3.87 12.32 -7.14
N CYS B 26 -2.94 11.44 -7.52
CA CYS B 26 -3.23 10.31 -8.41
C CYS B 26 -2.71 9.07 -7.71
N TYR B 27 -3.64 8.21 -7.31
CA TYR B 27 -3.33 6.99 -6.57
C TYR B 27 -3.48 5.81 -7.53
N VAL B 28 -2.38 5.10 -7.79
CA VAL B 28 -2.41 3.91 -8.63
C VAL B 28 -2.18 2.69 -7.74
N SER B 29 -3.02 1.67 -7.91
CA SER B 29 -2.93 0.50 -7.05
C SER B 29 -3.24 -0.75 -7.85
N GLY B 30 -2.89 -1.89 -7.26
CA GLY B 30 -3.25 -3.17 -7.82
C GLY B 30 -2.52 -3.57 -9.07
N PHE B 31 -1.34 -3.00 -9.35
CA PHE B 31 -0.68 -3.29 -10.60
C PHE B 31 0.56 -4.16 -10.43
N HIS B 32 0.99 -4.74 -11.55
CA HIS B 32 2.18 -5.57 -11.62
C HIS B 32 2.55 -5.73 -13.08
N PRO B 33 3.81 -5.52 -13.47
CA PRO B 33 4.97 -5.22 -12.63
C PRO B 33 4.99 -3.79 -12.12
N SER B 34 6.02 -3.46 -11.34
CA SER B 34 6.10 -2.17 -10.65
C SER B 34 6.52 -1.03 -11.57
N ASP B 35 7.17 -1.33 -12.69
CA ASP B 35 7.53 -0.31 -13.68
C ASP B 35 6.29 0.44 -14.16
N ILE B 36 6.25 1.75 -13.90
CA ILE B 36 5.08 2.57 -14.22
C ILE B 36 5.50 4.01 -14.32
N GLU B 37 4.78 4.76 -15.15
CA GLU B 37 5.02 6.18 -15.33
C GLU B 37 3.70 6.90 -15.03
N VAL B 38 3.70 7.83 -14.10
CA VAL B 38 2.50 8.57 -13.74
C VAL B 38 2.80 10.05 -13.83
N ASP B 39 1.98 10.77 -14.60
CA ASP B 39 2.10 12.22 -14.73
C ASP B 39 0.77 12.88 -14.39
N LEU B 40 0.85 14.02 -13.73
CA LEU B 40 -0.32 14.85 -13.50
C LEU B 40 -0.35 15.91 -14.58
N LEU B 41 -1.52 16.18 -15.13
CA LEU B 41 -1.67 17.10 -16.25
C LEU B 41 -2.55 18.26 -15.86
N LYS B 42 -2.14 19.47 -16.26
CA LYS B 42 -2.94 20.69 -16.07
C LYS B 42 -3.24 21.24 -17.46
N ASN B 43 -4.50 21.15 -17.88
CA ASN B 43 -4.92 21.63 -19.19
C ASN B 43 -4.16 20.89 -20.30
N GLY B 44 -3.92 19.59 -20.08
CA GLY B 44 -3.22 18.75 -21.04
C GLY B 44 -1.71 18.72 -20.91
N GLU B 45 -1.10 19.56 -20.09
CA GLU B 45 0.34 19.69 -20.02
C GLU B 45 0.89 19.10 -18.73
N ARG B 46 2.02 18.42 -18.83
CA ARG B 46 2.55 17.72 -17.66
C ARG B 46 3.03 18.72 -16.61
N ILE B 47 2.55 18.55 -15.37
CA ILE B 47 3.04 19.36 -14.25
C ILE B 47 4.44 18.91 -13.87
N GLU B 48 5.34 19.86 -13.65
CA GLU B 48 6.75 19.52 -13.62
C GLU B 48 7.24 19.01 -12.27
N LYS B 49 6.74 19.52 -11.15
CA LYS B 49 7.28 19.11 -9.85
C LYS B 49 6.23 18.29 -9.12
N VAL B 50 6.17 17.01 -9.48
CA VAL B 50 5.25 16.07 -8.86
C VAL B 50 6.05 15.11 -7.99
N GLU B 51 5.59 14.91 -6.77
CA GLU B 51 6.21 13.98 -5.85
C GLU B 51 5.45 12.67 -5.84
N HIS B 52 6.09 11.64 -5.31
CA HIS B 52 5.42 10.36 -5.19
C HIS B 52 5.94 9.61 -3.97
N SER B 53 5.09 8.72 -3.46
CA SER B 53 5.40 7.92 -2.30
C SER B 53 6.39 6.83 -2.65
N ASP B 54 6.97 6.19 -1.62
CA ASP B 54 7.88 5.09 -1.86
C ASP B 54 7.12 3.82 -2.24
N LEU B 55 7.65 3.09 -3.21
CA LEU B 55 6.99 1.90 -3.72
C LEU B 55 6.68 0.91 -2.61
N SER B 56 5.43 0.49 -2.55
CA SER B 56 5.00 -0.47 -1.55
C SER B 56 4.00 -1.40 -2.23
N PHE B 57 3.50 -2.38 -1.49
CA PHE B 57 2.59 -3.33 -2.09
C PHE B 57 1.64 -3.88 -1.04
N SER B 58 0.56 -4.50 -1.52
CA SER B 58 -0.55 -4.98 -0.70
C SER B 58 -0.38 -6.46 -0.43
N LYS B 59 -1.37 -7.03 0.26
CA LYS B 59 -1.23 -8.41 0.68
C LYS B 59 -1.16 -9.36 -0.51
N ASP B 60 -1.84 -9.03 -1.61
CA ASP B 60 -1.78 -9.88 -2.80
C ASP B 60 -0.55 -9.64 -3.65
N TRP B 61 0.41 -8.85 -3.16
CA TRP B 61 1.67 -8.49 -3.80
C TRP B 61 1.54 -7.41 -4.88
N SER B 62 0.35 -6.87 -5.15
CA SER B 62 0.26 -5.84 -6.18
C SER B 62 0.74 -4.51 -5.62
N PHE B 63 1.33 -3.69 -6.48
CA PHE B 63 1.96 -2.44 -6.06
C PHE B 63 0.94 -1.31 -5.95
N TYR B 64 1.29 -0.30 -5.14
CA TYR B 64 0.55 0.96 -5.14
C TYR B 64 1.52 2.11 -4.95
N LEU B 65 1.16 3.26 -5.52
CA LEU B 65 1.91 4.50 -5.42
C LEU B 65 0.95 5.69 -5.39
N LEU B 66 1.34 6.72 -4.65
CA LEU B 66 0.62 7.98 -4.63
C LEU B 66 1.50 9.05 -5.25
N TYR B 67 1.02 9.69 -6.33
CA TYR B 67 1.65 10.87 -6.91
C TYR B 67 0.85 12.09 -6.49
N TYR B 68 1.53 13.19 -6.19
CA TYR B 68 0.77 14.31 -5.65
C TYR B 68 1.52 15.62 -5.89
N THR B 69 0.75 16.71 -5.94
CA THR B 69 1.33 18.03 -6.00
C THR B 69 0.39 19.03 -5.33
N GLU B 70 0.97 20.09 -4.79
CA GLU B 70 0.16 21.18 -4.26
C GLU B 70 -0.46 21.95 -5.43
N PHE B 71 -1.69 22.44 -5.24
CA PHE B 71 -2.30 23.22 -6.30
C PHE B 71 -3.46 24.03 -5.75
N THR B 72 -3.88 25.02 -6.52
CA THR B 72 -5.06 25.82 -6.16
C THR B 72 -6.04 25.70 -7.31
N PRO B 73 -7.15 25.00 -7.12
CA PRO B 73 -8.13 24.88 -8.18
C PRO B 73 -8.75 26.23 -8.52
N THR B 74 -9.03 26.41 -9.79
CA THR B 74 -9.75 27.55 -10.33
C THR B 74 -10.88 27.01 -11.20
N GLU B 75 -11.78 27.92 -11.60
CA GLU B 75 -12.97 27.48 -12.32
C GLU B 75 -12.62 26.83 -13.66
N LYS B 76 -11.62 27.34 -14.37
CA LYS B 76 -11.41 26.93 -15.75
C LYS B 76 -10.13 26.13 -15.98
N ASP B 77 -9.52 25.61 -14.92
CA ASP B 77 -8.35 24.75 -15.04
C ASP B 77 -8.81 23.30 -14.96
N GLU B 78 -8.35 22.48 -15.91
CA GLU B 78 -8.72 21.06 -15.99
C GLU B 78 -7.53 20.20 -15.61
N TYR B 79 -7.73 19.25 -14.71
CA TYR B 79 -6.64 18.39 -14.24
C TYR B 79 -6.92 16.93 -14.59
N ALA B 80 -5.85 16.19 -14.83
CA ALA B 80 -5.95 14.78 -15.16
C ALA B 80 -4.68 14.03 -14.74
N CYS B 81 -4.77 12.71 -14.74
CA CYS B 81 -3.65 11.83 -14.42
C CYS B 81 -3.40 10.89 -15.60
N ARG B 82 -2.16 10.81 -16.05
CA ARG B 82 -1.82 9.96 -17.19
C ARG B 82 -0.93 8.81 -16.73
N VAL B 83 -1.42 7.60 -16.90
CA VAL B 83 -0.76 6.40 -16.39
C VAL B 83 -0.26 5.58 -17.56
N ASN B 84 1.04 5.30 -17.56
CA ASN B 84 1.71 4.55 -18.62
C ASN B 84 2.23 3.25 -18.00
N HIS B 85 1.71 2.11 -18.46
CA HIS B 85 2.03 0.80 -17.88
C HIS B 85 1.98 -0.24 -19.00
N VAL B 86 2.75 -1.32 -18.83
CA VAL B 86 2.86 -2.31 -19.91
C VAL B 86 1.50 -2.94 -20.22
N THR B 87 0.60 -3.05 -19.23
CA THR B 87 -0.73 -3.59 -19.47
C THR B 87 -1.64 -2.66 -20.28
N LEU B 88 -1.22 -1.42 -20.55
CA LEU B 88 -2.06 -0.43 -21.22
C LEU B 88 -1.47 -0.18 -22.61
N SER B 89 -2.24 -0.55 -23.64
CA SER B 89 -1.78 -0.36 -25.01
C SER B 89 -1.64 1.12 -25.36
N GLN B 90 -2.37 2.01 -24.69
CA GLN B 90 -2.08 3.43 -24.71
C GLN B 90 -2.23 3.98 -23.30
N PRO B 91 -1.48 5.03 -22.96
CA PRO B 91 -1.57 5.59 -21.60
C PRO B 91 -3.01 5.91 -21.25
N LYS B 92 -3.41 5.60 -20.01
CA LYS B 92 -4.78 5.90 -19.58
C LYS B 92 -4.79 7.28 -18.95
N ILE B 93 -5.71 8.13 -19.43
CA ILE B 93 -5.83 9.50 -18.94
C ILE B 93 -7.17 9.62 -18.23
N VAL B 94 -7.11 9.90 -16.93
CA VAL B 94 -8.30 9.96 -16.08
C VAL B 94 -8.46 11.40 -15.64
N LYS B 95 -9.60 11.99 -15.93
CA LYS B 95 -9.82 13.40 -15.64
C LYS B 95 -10.25 13.58 -14.20
N TRP B 96 -9.86 14.70 -13.61
CA TRP B 96 -10.27 15.02 -12.24
C TRP B 96 -11.72 15.46 -12.23
N ASP B 97 -12.53 14.77 -11.45
CA ASP B 97 -13.94 15.07 -11.24
C ASP B 97 -14.07 15.44 -9.77
N ARG B 98 -14.52 16.67 -9.48
CA ARG B 98 -14.50 17.11 -8.09
C ARG B 98 -15.36 16.24 -7.16
N ASP B 99 -16.18 15.34 -7.69
CA ASP B 99 -16.91 14.37 -6.86
C ASP B 99 -16.60 12.91 -7.24
N MET B 100 -15.42 12.64 -7.80
CA MET B 100 -15.01 11.32 -8.38
C MET B 100 -16.05 10.68 -9.34
N ASN C 1 12.56 -2.23 13.54
CA ASN C 1 13.85 -2.89 13.45
C ASN C 1 13.84 -3.91 12.34
N TYR C 2 14.73 -3.76 11.37
CA TYR C 2 14.84 -4.73 10.28
C TYR C 2 15.46 -6.03 10.80
N ASN C 3 15.33 -7.09 10.00
CA ASN C 3 15.98 -8.37 10.28
C ASN C 3 17.25 -8.53 9.46
N TYR C 4 18.15 -9.40 9.94
CA TYR C 4 19.34 -9.77 9.16
C TYR C 4 18.95 -10.90 8.21
N LEU C 5 19.02 -10.63 6.90
CA LEU C 5 18.56 -11.60 5.89
C LEU C 5 19.72 -11.99 4.99
N TYR C 6 20.23 -13.20 5.19
CA TYR C 6 21.34 -13.72 4.41
C TYR C 6 21.03 -15.02 3.69
N ARG C 7 19.91 -15.67 3.97
CA ARG C 7 19.66 -17.02 3.46
C ARG C 7 19.32 -16.98 1.99
N LEU C 8 19.85 -17.94 1.25
CA LEU C 8 19.63 -17.98 -0.21
C LEU C 8 18.65 -19.09 -0.60
N PHE C 9 17.95 -18.88 -1.72
CA PHE C 9 16.98 -19.87 -2.26
C PHE C 9 17.70 -21.16 -2.67
#